data_3NC9
#
_entry.id   3NC9
#
_cell.length_a   82.696
_cell.length_b   85.692
_cell.length_c   136.852
_cell.angle_alpha   90.00
_cell.angle_beta   90.00
_cell.angle_gamma   90.00
#
_symmetry.space_group_name_H-M   'P 21 21 21'
#
loop_
_entity.id
_entity.type
_entity.pdbx_description
1 polymer Ketohexokinase
2 non-polymer N-[3-(methylsulfanyl)-1-phenyl-1H-indazol-6-yl]piperidine-4-carboxamide
3 non-polymer 'SULFATE ION'
4 water water
#
_entity_poly.entity_id   1
_entity_poly.type   'polypeptide(L)'
_entity_poly.pdbx_seq_one_letter_code
;MGSSHHHHHHSSGLVPRGSQILCVGLVVLDVISLVDKYPKEDSEIRCLSQRWQRGGNASNSCTVLSLLGAPCAFMGSMAP
GHVADFLVADFRRRGVDVSQVAWQSKGDTPSSCCIINNSNGNRTIVLHDTSLPDVSATDFEKVDLTQFKWIHIEGRNASE
QVKMLQRIDAHNTRQPPEQKIRVSVEVEKPREELFQLFGYGDVVFVSKDVAKHLGFQSAEEALRGLYGRVRKGAVLVCAW
AEEGADALGPDGKLLHSDAFPPPRVVDTLGAGDTFNASVIFSLSQGRSVQEALRFGCQVAGKKCGLQGFDGIV
;
_entity_poly.pdbx_strand_id   A,B
#
# COMPACT_ATOMS: atom_id res chain seq x y z
N GLY A 18 -29.16 -17.13 21.50
CA GLY A 18 -27.98 -16.28 21.48
C GLY A 18 -26.70 -17.02 21.18
N SER A 19 -26.47 -17.32 19.90
CA SER A 19 -25.32 -18.12 19.51
C SER A 19 -24.11 -17.29 19.03
N GLN A 20 -24.35 -16.06 18.56
CA GLN A 20 -23.29 -15.30 17.90
C GLN A 20 -22.62 -14.27 18.79
N ILE A 21 -21.45 -13.79 18.36
CA ILE A 21 -20.82 -12.63 18.98
C ILE A 21 -20.75 -11.46 18.01
N LEU A 22 -21.21 -10.30 18.44
CA LEU A 22 -21.16 -9.14 17.58
C LEU A 22 -20.05 -8.19 18.02
N CYS A 23 -19.25 -7.71 17.06
CA CYS A 23 -18.26 -6.66 17.28
C CYS A 23 -18.61 -5.40 16.50
N VAL A 24 -18.41 -4.25 17.13
CA VAL A 24 -18.84 -2.99 16.55
C VAL A 24 -17.66 -2.02 16.51
N GLY A 25 -17.06 -1.85 15.34
CA GLY A 25 -15.91 -0.97 15.19
C GLY A 25 -15.58 -0.72 13.74
N LEU A 26 -14.29 -0.76 13.40
CA LEU A 26 -13.85 -0.42 12.06
C LEU A 26 -13.36 -1.63 11.28
N VAL A 27 -13.54 -1.61 9.96
CA VAL A 27 -12.81 -2.50 9.08
C VAL A 27 -11.97 -1.59 8.16
N VAL A 28 -10.72 -1.96 7.95
CA VAL A 28 -9.79 -1.13 7.20
C VAL A 28 -8.94 -2.04 6.31
N LEU A 29 -8.70 -1.62 5.08
CA LEU A 29 -7.75 -2.35 4.23
C LEU A 29 -6.32 -2.04 4.66
N ASP A 30 -5.60 -3.06 5.11
CA ASP A 30 -4.20 -2.91 5.47
C ASP A 30 -3.30 -3.32 4.32
N VAL A 31 -2.62 -2.33 3.75
CA VAL A 31 -1.59 -2.58 2.76
C VAL A 31 -0.26 -2.71 3.50
N ILE A 32 0.22 -3.95 3.55
CA ILE A 32 1.32 -4.31 4.44
C ILE A 32 2.63 -4.47 3.71
N SER A 33 3.67 -3.86 4.25
CA SER A 33 5.03 -4.12 3.77
C SER A 33 5.85 -4.70 4.90
N LEU A 34 6.55 -5.79 4.61
CA LEU A 34 7.39 -6.42 5.60
C LEU A 34 8.86 -6.08 5.32
N VAL A 35 9.50 -5.40 6.26
CA VAL A 35 10.88 -4.93 6.08
C VAL A 35 11.75 -5.51 7.17
N ASP A 36 13.07 -5.61 6.95
CA ASP A 36 13.90 -6.16 8.04
C ASP A 36 14.54 -5.08 8.93
N LYS A 37 14.28 -3.82 8.59
CA LYS A 37 14.60 -2.70 9.45
C LYS A 37 13.81 -1.50 8.98
N TYR A 38 13.47 -0.63 9.91
CA TYR A 38 12.65 0.54 9.61
C TYR A 38 13.51 1.56 8.87
N PRO A 39 12.97 2.12 7.78
CA PRO A 39 13.73 3.05 6.92
C PRO A 39 14.07 4.33 7.67
N LYS A 40 15.30 4.81 7.53
CA LYS A 40 15.64 6.11 8.12
C LYS A 40 14.91 7.18 7.34
N GLU A 41 14.47 8.23 8.02
CA GLU A 41 13.78 9.30 7.34
C GLU A 41 14.47 9.65 6.03
N ASP A 42 13.69 9.78 4.97
CA ASP A 42 14.22 10.24 3.69
C ASP A 42 15.11 9.22 3.00
N SER A 43 15.18 8.01 3.56
CA SER A 43 15.91 6.93 2.91
C SER A 43 14.99 6.04 2.06
N GLU A 44 15.57 5.04 1.41
CA GLU A 44 14.81 4.14 0.57
C GLU A 44 15.26 2.69 0.78
N ILE A 45 14.36 1.84 1.27
CA ILE A 45 14.67 0.44 1.53
C ILE A 45 13.73 -0.50 0.79
N ARG A 46 14.20 -1.71 0.49
CA ARG A 46 13.36 -2.73 -0.17
C ARG A 46 12.72 -3.67 0.84
N CYS A 47 11.43 -3.93 0.70
CA CYS A 47 10.75 -4.81 1.65
C CYS A 47 10.97 -6.28 1.31
N LEU A 48 10.88 -7.14 2.32
CA LEU A 48 11.01 -8.58 2.14
C LEU A 48 9.84 -9.14 1.36
N SER A 49 8.64 -8.64 1.64
CA SER A 49 7.43 -9.13 0.97
C SER A 49 6.25 -8.23 1.27
N GLN A 50 5.15 -8.46 0.54
CA GLN A 50 3.96 -7.65 0.73
C GLN A 50 2.66 -8.44 0.74
N ARG A 51 1.62 -7.87 1.33
CA ARG A 51 0.32 -8.50 1.30
C ARG A 51 -0.73 -7.47 1.65
N TRP A 52 -1.98 -7.83 1.35
CA TRP A 52 -3.15 -7.09 1.81
C TRP A 52 -3.80 -7.84 2.95
N GLN A 53 -4.38 -7.11 3.89
CA GLN A 53 -5.04 -7.73 5.01
C GLN A 53 -6.26 -6.93 5.41
N ARG A 54 -7.36 -7.64 5.68
CA ARG A 54 -8.50 -7.01 6.31
C ARG A 54 -8.13 -6.72 7.76
N GLY A 55 -8.13 -5.43 8.11
CA GLY A 55 -7.73 -5.02 9.43
C GLY A 55 -8.80 -4.18 10.07
N GLY A 56 -8.41 -3.37 11.04
CA GLY A 56 -9.34 -2.65 11.90
C GLY A 56 -9.67 -3.45 13.14
N ASN A 57 -9.83 -2.78 14.27
CA ASN A 57 -9.99 -3.49 15.53
C ASN A 57 -11.12 -4.50 15.54
N ALA A 58 -12.36 -4.04 15.50
CA ALA A 58 -13.50 -4.96 15.45
C ALA A 58 -13.30 -6.02 14.38
N SER A 59 -12.69 -5.60 13.27
CA SER A 59 -12.48 -6.53 12.15
C SER A 59 -11.48 -7.63 12.50
N ASN A 60 -10.44 -7.29 13.24
CA ASN A 60 -9.41 -8.24 13.62
C ASN A 60 -9.98 -9.23 14.63
N SER A 61 -10.81 -8.73 15.53
CA SER A 61 -11.42 -9.57 16.54
C SER A 61 -12.30 -10.67 15.93
N CYS A 62 -13.13 -10.31 14.96
CA CYS A 62 -13.92 -11.33 14.24
C CYS A 62 -12.99 -12.36 13.61
N THR A 63 -11.87 -11.92 13.07
CA THR A 63 -10.94 -12.89 12.50
C THR A 63 -10.60 -13.94 13.54
N VAL A 64 -10.40 -13.46 14.77
CA VAL A 64 -9.85 -14.25 15.86
C VAL A 64 -10.93 -15.14 16.45
N LEU A 65 -12.07 -14.55 16.76
CA LEU A 65 -13.21 -15.30 17.23
C LEU A 65 -13.52 -16.40 16.23
N SER A 66 -13.67 -16.02 14.98
CA SER A 66 -13.83 -16.96 13.89
C SER A 66 -12.82 -18.12 13.99
N LEU A 67 -11.55 -17.78 14.03
CA LEU A 67 -10.51 -18.81 14.08
C LEU A 67 -10.69 -19.72 15.29
N LEU A 68 -11.14 -19.14 16.38
CA LEU A 68 -11.27 -19.88 17.63
C LEU A 68 -12.50 -20.79 17.63
N GLY A 69 -13.39 -20.58 16.65
CA GLY A 69 -14.58 -21.39 16.48
C GLY A 69 -15.91 -20.75 16.87
N ALA A 70 -15.91 -19.45 17.11
CA ALA A 70 -17.10 -18.80 17.63
C ALA A 70 -17.87 -18.06 16.55
N PRO A 71 -19.12 -18.47 16.31
CA PRO A 71 -19.90 -17.72 15.33
C PRO A 71 -19.92 -16.26 15.74
N CYS A 72 -19.64 -15.37 14.79
CA CYS A 72 -19.66 -13.95 15.11
C CYS A 72 -20.09 -13.12 13.91
N ALA A 73 -20.40 -11.86 14.19
CA ALA A 73 -20.81 -10.94 13.15
C ALA A 73 -20.11 -9.61 13.36
N PHE A 74 -19.78 -8.95 12.25
CA PHE A 74 -19.19 -7.61 12.29
C PHE A 74 -20.22 -6.54 11.97
N MET A 75 -20.19 -5.42 12.70
CA MET A 75 -21.01 -4.27 12.37
C MET A 75 -20.20 -2.99 12.24
N GLY A 76 -20.01 -2.52 11.01
CA GLY A 76 -19.32 -1.26 10.78
C GLY A 76 -19.67 -0.64 9.43
N SER A 77 -19.26 0.62 9.25
CA SER A 77 -19.55 1.38 8.03
C SER A 77 -18.59 1.09 6.86
N MET A 78 -19.11 0.49 5.80
CA MET A 78 -18.35 0.30 4.56
C MET A 78 -18.95 1.11 3.40
N ALA A 79 -18.14 1.40 2.38
CA ALA A 79 -18.59 2.08 1.17
C ALA A 79 -18.44 1.15 -0.02
N PRO A 80 -19.52 0.90 -0.77
CA PRO A 80 -19.41 -0.08 -1.86
C PRO A 80 -18.27 0.28 -2.82
N GLY A 81 -17.61 -0.73 -3.37
CA GLY A 81 -16.46 -0.54 -4.23
C GLY A 81 -15.63 -1.80 -4.40
N HIS A 82 -14.39 -1.65 -4.87
CA HIS A 82 -13.48 -2.78 -5.01
C HIS A 82 -12.82 -3.15 -3.69
N VAL A 83 -12.46 -2.14 -2.91
CA VAL A 83 -11.91 -2.32 -1.58
C VAL A 83 -12.89 -3.15 -0.73
N ALA A 84 -14.12 -2.68 -0.64
CA ALA A 84 -15.16 -3.39 0.08
C ALA A 84 -15.35 -4.82 -0.42
N ASP A 85 -15.31 -5.01 -1.73
CA ASP A 85 -15.48 -6.35 -2.29
C ASP A 85 -14.41 -7.29 -1.74
N PHE A 86 -13.18 -6.81 -1.66
CA PHE A 86 -12.09 -7.55 -1.02
C PHE A 86 -12.38 -7.81 0.46
N LEU A 87 -12.65 -6.76 1.21
CA LEU A 87 -12.93 -6.90 2.63
C LEU A 87 -14.05 -7.93 2.85
N VAL A 88 -15.22 -7.67 2.25
CA VAL A 88 -16.36 -8.58 2.35
C VAL A 88 -16.02 -10.03 1.98
N ALA A 89 -15.24 -10.21 0.93
CA ALA A 89 -14.90 -11.56 0.50
C ALA A 89 -14.08 -12.25 1.58
N ASP A 90 -13.13 -11.52 2.16
CA ASP A 90 -12.30 -12.04 3.23
C ASP A 90 -13.11 -12.37 4.48
N PHE A 91 -13.97 -11.45 4.86
CA PHE A 91 -14.93 -11.67 5.92
C PHE A 91 -15.63 -13.01 5.76
N ARG A 92 -16.21 -13.21 4.57
CA ARG A 92 -16.96 -14.42 4.30
C ARG A 92 -16.08 -15.65 4.24
N ARG A 93 -14.86 -15.49 3.75
CA ARG A 93 -13.94 -16.62 3.67
C ARG A 93 -13.64 -17.12 5.08
N ARG A 94 -13.96 -16.27 6.06
CA ARG A 94 -13.71 -16.57 7.46
C ARG A 94 -14.97 -17.00 8.18
N GLY A 95 -16.13 -16.76 7.55
CA GLY A 95 -17.40 -17.13 8.14
C GLY A 95 -17.98 -16.03 9.01
N VAL A 96 -17.55 -14.79 8.76
CA VAL A 96 -18.07 -13.69 9.55
C VAL A 96 -19.36 -13.17 8.95
N ASP A 97 -20.42 -13.20 9.75
CA ASP A 97 -21.68 -12.60 9.37
C ASP A 97 -21.45 -11.11 9.12
N VAL A 98 -21.79 -10.65 7.93
CA VAL A 98 -21.54 -9.25 7.55
C VAL A 98 -22.85 -8.50 7.31
N SER A 99 -23.97 -9.18 7.54
CA SER A 99 -25.27 -8.61 7.20
C SER A 99 -25.60 -7.35 8.00
N GLN A 100 -24.81 -7.07 9.02
CA GLN A 100 -25.12 -5.93 9.89
C GLN A 100 -24.34 -4.70 9.47
N VAL A 101 -23.64 -4.80 8.34
CA VAL A 101 -22.80 -3.71 7.86
C VAL A 101 -23.63 -2.47 7.53
N ALA A 102 -23.20 -1.32 8.06
CA ALA A 102 -23.85 -0.05 7.76
C ALA A 102 -23.27 0.57 6.50
N TRP A 103 -23.72 0.10 5.34
CA TRP A 103 -23.24 0.63 4.07
C TRP A 103 -23.46 2.13 3.96
N GLN A 104 -22.76 2.76 3.02
CA GLN A 104 -22.86 4.21 2.85
C GLN A 104 -22.79 4.60 1.38
N SER A 105 -22.63 5.90 1.15
CA SER A 105 -22.40 6.42 -0.19
C SER A 105 -21.62 7.73 -0.10
N LYS A 106 -21.38 8.18 1.12
CA LYS A 106 -20.58 9.40 1.34
C LYS A 106 -19.24 9.09 2.01
N GLY A 107 -18.27 8.66 1.21
CA GLY A 107 -16.94 8.36 1.69
C GLY A 107 -16.35 7.09 1.08
N ASP A 108 -15.03 6.95 1.17
CA ASP A 108 -14.33 5.73 0.75
C ASP A 108 -14.12 4.82 1.96
N THR A 109 -13.90 3.53 1.72
CA THR A 109 -13.58 2.63 2.82
C THR A 109 -12.12 2.85 3.22
N PRO A 110 -11.88 3.07 4.51
CA PRO A 110 -10.55 3.35 5.09
C PRO A 110 -9.49 2.40 4.56
N SER A 111 -8.25 2.86 4.52
CA SER A 111 -7.12 1.97 4.24
C SER A 111 -5.89 2.57 4.89
N SER A 112 -4.80 1.81 4.93
CA SER A 112 -3.60 2.29 5.58
C SER A 112 -2.38 1.50 5.16
N CYS A 113 -1.22 2.14 5.25
CA CYS A 113 0.04 1.44 5.03
C CYS A 113 0.63 0.96 6.34
N CYS A 114 1.02 -0.30 6.35
CA CYS A 114 1.60 -0.87 7.55
C CYS A 114 2.97 -1.36 7.20
N ILE A 115 3.97 -0.77 7.85
CA ILE A 115 5.33 -1.24 7.72
C ILE A 115 5.56 -2.16 8.91
N ILE A 116 5.93 -3.40 8.65
CA ILE A 116 6.07 -4.36 9.72
C ILE A 116 7.53 -4.79 9.81
N ASN A 117 8.16 -4.37 10.90
CA ASN A 117 9.54 -4.73 11.13
C ASN A 117 9.63 -6.21 11.46
N ASN A 118 10.31 -6.96 10.60
CA ASN A 118 10.43 -8.39 10.77
C ASN A 118 11.40 -8.79 11.87
N SER A 119 12.28 -7.87 12.23
CA SER A 119 13.27 -8.13 13.29
C SER A 119 12.67 -8.09 14.68
N ASN A 120 11.71 -7.20 14.91
CA ASN A 120 11.10 -7.17 16.22
C ASN A 120 9.58 -7.13 16.17
N GLY A 121 9.04 -7.52 15.02
CA GLY A 121 7.61 -7.51 14.80
C GLY A 121 6.93 -6.17 14.94
N ASN A 122 7.70 -5.13 15.28
CA ASN A 122 7.16 -3.77 15.37
C ASN A 122 6.35 -3.44 14.12
N ARG A 123 5.27 -2.68 14.30
CA ARG A 123 4.44 -2.27 13.16
C ARG A 123 4.24 -0.75 13.17
N THR A 124 4.33 -0.13 11.99
CA THR A 124 4.10 1.30 11.86
C THR A 124 2.95 1.52 10.90
N ILE A 125 1.98 2.33 11.32
CA ILE A 125 0.72 2.48 10.60
C ILE A 125 0.46 3.90 10.15
N VAL A 126 0.30 4.08 8.85
CA VAL A 126 -0.10 5.37 8.31
C VAL A 126 -1.53 5.24 7.82
N LEU A 127 -2.43 5.89 8.55
CA LEU A 127 -3.86 5.73 8.36
C LEU A 127 -4.46 6.80 7.45
N HIS A 128 -5.24 6.37 6.47
CA HIS A 128 -5.96 7.29 5.60
C HIS A 128 -7.43 7.21 6.00
N ASP A 129 -7.85 8.10 6.88
CA ASP A 129 -9.25 8.10 7.27
C ASP A 129 -10.07 8.99 6.35
N THR A 130 -11.06 8.37 5.74
CA THR A 130 -11.93 9.03 4.79
C THR A 130 -12.98 9.82 5.56
N SER A 131 -14.11 10.07 4.92
CA SER A 131 -15.21 10.73 5.62
C SER A 131 -16.08 9.70 6.31
N LEU A 132 -16.34 8.60 5.60
CA LEU A 132 -17.20 7.52 6.07
C LEU A 132 -17.57 7.67 7.55
N PRO A 133 -18.81 8.09 7.81
CA PRO A 133 -19.25 8.36 9.19
C PRO A 133 -19.46 7.08 9.97
N ASP A 134 -19.33 7.18 11.29
CA ASP A 134 -19.39 6.02 12.16
C ASP A 134 -20.80 5.49 12.30
N VAL A 135 -20.94 4.16 12.40
CA VAL A 135 -22.21 3.52 12.69
C VAL A 135 -22.91 4.29 13.79
N SER A 136 -24.22 4.44 13.67
CA SER A 136 -24.99 5.29 14.57
C SER A 136 -26.04 4.49 15.32
N ALA A 137 -26.46 5.03 16.46
CA ALA A 137 -27.51 4.40 17.24
C ALA A 137 -28.67 4.01 16.32
N THR A 138 -28.96 4.85 15.33
CA THR A 138 -30.04 4.61 14.38
C THR A 138 -29.82 3.35 13.58
N ASP A 139 -28.56 2.99 13.37
CA ASP A 139 -28.26 1.77 12.62
C ASP A 139 -28.38 0.59 13.57
N PHE A 140 -27.98 0.85 14.82
CA PHE A 140 -27.93 -0.19 15.84
C PHE A 140 -29.32 -0.60 16.28
N GLU A 141 -30.18 0.40 16.51
CA GLU A 141 -31.56 0.16 16.91
C GLU A 141 -32.29 -0.73 15.91
N LYS A 142 -31.64 -0.96 14.77
CA LYS A 142 -32.18 -1.82 13.72
C LYS A 142 -31.64 -3.25 13.83
N VAL A 143 -31.03 -3.58 14.97
CA VAL A 143 -30.36 -4.88 15.12
C VAL A 143 -31.14 -5.90 15.97
N ASP A 144 -31.26 -7.11 15.45
CA ASP A 144 -31.94 -8.20 16.16
C ASP A 144 -31.06 -8.79 17.27
N LEU A 145 -31.07 -8.13 18.44
CA LEU A 145 -30.22 -8.52 19.54
C LEU A 145 -30.44 -9.95 20.01
N THR A 146 -31.41 -10.65 19.44
CA THR A 146 -31.76 -11.97 19.93
C THR A 146 -30.75 -13.06 19.52
N GLN A 147 -29.87 -12.71 18.58
CA GLN A 147 -28.88 -13.68 18.10
C GLN A 147 -27.56 -13.64 18.86
N PHE A 148 -27.40 -12.65 19.74
CA PHE A 148 -26.09 -12.37 20.30
C PHE A 148 -25.90 -12.78 21.76
N LYS A 149 -24.91 -13.64 21.99
CA LYS A 149 -24.50 -14.06 23.32
C LYS A 149 -23.66 -12.97 23.98
N TRP A 150 -22.88 -12.28 23.14
CA TRP A 150 -21.95 -11.26 23.60
C TRP A 150 -21.92 -10.14 22.57
N ILE A 151 -21.79 -8.91 23.05
CA ILE A 151 -21.61 -7.76 22.15
C ILE A 151 -20.43 -6.92 22.60
N HIS A 152 -19.45 -6.77 21.71
CA HIS A 152 -18.21 -6.03 21.99
C HIS A 152 -18.11 -4.75 21.17
N ILE A 153 -17.81 -3.63 21.82
CA ILE A 153 -17.81 -2.32 21.17
C ILE A 153 -16.49 -1.55 21.23
N GLU A 154 -15.86 -1.40 20.06
CA GLU A 154 -14.65 -0.61 19.92
C GLU A 154 -14.95 0.88 20.11
N GLY A 155 -14.43 1.46 21.20
CA GLY A 155 -14.75 2.82 21.61
C GLY A 155 -14.34 3.93 20.67
N ARG A 156 -15.32 4.50 19.98
CA ARG A 156 -15.09 5.50 18.92
C ARG A 156 -15.87 6.79 19.19
N ASN A 157 -17.10 6.85 18.69
CA ASN A 157 -17.98 7.99 18.93
C ASN A 157 -18.80 7.81 20.19
N ALA A 158 -18.27 8.31 21.31
CA ALA A 158 -18.91 8.09 22.60
C ALA A 158 -20.40 8.39 22.58
N SER A 159 -20.74 9.66 22.74
CA SER A 159 -22.12 10.14 22.68
C SER A 159 -23.10 9.22 21.94
N GLU A 160 -22.73 8.81 20.72
CA GLU A 160 -23.62 7.99 19.88
C GLU A 160 -23.63 6.49 20.26
N GLN A 161 -22.56 6.00 20.87
CA GLN A 161 -22.47 4.60 21.27
C GLN A 161 -23.08 4.37 22.65
N VAL A 162 -23.00 5.39 23.50
CA VAL A 162 -23.57 5.31 24.83
C VAL A 162 -25.05 5.00 24.71
N LYS A 163 -25.64 5.45 23.61
CA LYS A 163 -27.03 5.13 23.30
C LYS A 163 -27.17 3.67 22.91
N MET A 164 -26.26 3.19 22.06
CA MET A 164 -26.23 1.78 21.69
C MET A 164 -26.18 0.91 22.92
N LEU A 165 -25.40 1.35 23.90
CA LEU A 165 -25.26 0.63 25.15
C LEU A 165 -26.59 0.70 25.90
N GLN A 166 -27.13 1.91 26.01
CA GLN A 166 -28.44 2.11 26.62
C GLN A 166 -29.39 1.02 26.19
N ARG A 167 -29.47 0.81 24.88
CA ARG A 167 -30.38 -0.17 24.29
C ARG A 167 -30.16 -1.54 24.89
N ILE A 168 -28.90 -1.92 25.01
CA ILE A 168 -28.52 -3.24 25.53
C ILE A 168 -28.91 -3.39 27.02
N ASP A 169 -28.58 -2.40 27.83
CA ASP A 169 -28.98 -2.38 29.23
C ASP A 169 -30.50 -2.55 29.38
N ALA A 170 -31.24 -1.86 28.51
CA ALA A 170 -32.69 -1.97 28.49
C ALA A 170 -33.10 -3.40 28.19
N HIS A 171 -32.62 -3.93 27.08
CA HIS A 171 -32.97 -5.27 26.63
C HIS A 171 -32.66 -6.32 27.71
N ASN A 172 -31.65 -6.03 28.52
CA ASN A 172 -31.23 -6.98 29.55
C ASN A 172 -32.18 -7.04 30.72
N THR A 173 -32.73 -5.89 31.09
CA THR A 173 -33.68 -5.79 32.19
C THR A 173 -34.87 -6.74 31.97
N ARG A 174 -35.23 -6.95 30.71
CA ARG A 174 -36.38 -7.75 30.35
C ARG A 174 -36.04 -9.21 30.12
N GLN A 175 -34.92 -9.68 30.66
CA GLN A 175 -34.47 -11.04 30.37
C GLN A 175 -33.98 -11.83 31.59
N PRO A 176 -34.17 -13.16 31.56
CA PRO A 176 -33.67 -14.07 32.59
C PRO A 176 -32.19 -13.83 32.87
N PRO A 177 -31.77 -13.86 34.15
CA PRO A 177 -30.36 -13.78 34.48
C PRO A 177 -29.57 -14.97 33.93
N GLU A 178 -30.04 -15.50 32.80
CA GLU A 178 -29.37 -16.59 32.11
C GLU A 178 -29.57 -16.38 30.62
N GLN A 179 -30.33 -15.34 30.28
CA GLN A 179 -30.56 -14.97 28.90
C GLN A 179 -30.11 -13.54 28.61
N LYS A 180 -29.30 -12.98 29.50
CA LYS A 180 -28.77 -11.63 29.33
C LYS A 180 -27.67 -11.60 28.26
N ILE A 181 -27.41 -10.42 27.71
CA ILE A 181 -26.37 -10.28 26.71
C ILE A 181 -25.12 -9.67 27.32
N ARG A 182 -24.02 -10.41 27.26
CA ARG A 182 -22.78 -9.94 27.84
C ARG A 182 -22.23 -8.80 26.99
N VAL A 183 -21.58 -7.83 27.62
CA VAL A 183 -21.09 -6.69 26.88
C VAL A 183 -19.63 -6.35 27.23
N SER A 184 -18.82 -6.12 26.21
CA SER A 184 -17.47 -5.64 26.46
C SER A 184 -17.24 -4.34 25.71
N VAL A 185 -16.44 -3.47 26.30
CA VAL A 185 -16.10 -2.19 25.68
C VAL A 185 -14.59 -2.03 25.62
N GLU A 186 -14.10 -1.57 24.47
CA GLU A 186 -12.69 -1.24 24.33
C GLU A 186 -12.50 0.27 24.32
N VAL A 187 -11.73 0.79 25.27
CA VAL A 187 -11.36 2.20 25.27
C VAL A 187 -9.94 2.38 24.73
N GLU A 188 -9.80 2.52 23.42
CA GLU A 188 -8.47 2.57 22.82
C GLU A 188 -7.80 3.94 22.90
N LYS A 189 -8.56 5.01 22.71
CA LYS A 189 -7.95 6.33 22.66
C LYS A 189 -8.10 7.12 23.95
N PRO A 190 -7.07 7.89 24.30
CA PRO A 190 -7.02 8.71 25.51
C PRO A 190 -7.98 9.91 25.44
N ARG A 191 -8.97 9.83 24.55
CA ARG A 191 -9.89 10.93 24.34
C ARG A 191 -10.91 11.04 25.47
N GLU A 192 -11.20 12.27 25.90
CA GLU A 192 -12.11 12.50 27.02
C GLU A 192 -13.53 12.03 26.73
N GLU A 193 -13.96 12.12 25.47
CA GLU A 193 -15.30 11.66 25.09
C GLU A 193 -15.46 10.18 25.46
N LEU A 194 -14.38 9.42 25.28
CA LEU A 194 -14.40 7.98 25.56
C LEU A 194 -14.48 7.66 27.05
N PHE A 195 -14.04 8.61 27.89
CA PHE A 195 -13.94 8.39 29.33
C PHE A 195 -15.25 7.98 29.97
N GLN A 196 -16.33 7.99 29.19
CA GLN A 196 -17.64 7.71 29.74
C GLN A 196 -18.12 6.30 29.44
N LEU A 197 -17.40 5.61 28.55
CA LEU A 197 -17.76 4.25 28.17
C LEU A 197 -17.32 3.24 29.23
N PHE A 198 -17.00 3.75 30.41
CA PHE A 198 -16.18 3.04 31.37
C PHE A 198 -16.80 2.13 32.44
N GLY A 199 -18.04 2.33 32.84
CA GLY A 199 -19.03 3.11 32.14
C GLY A 199 -20.13 2.10 31.91
N TYR A 200 -19.99 1.35 30.83
CA TYR A 200 -20.94 0.31 30.49
C TYR A 200 -20.14 -0.95 30.23
N GLY A 201 -20.84 -2.05 29.97
CA GLY A 201 -20.18 -3.32 29.73
C GLY A 201 -19.79 -4.07 30.98
N ASP A 202 -19.74 -5.39 30.87
CA ASP A 202 -19.35 -6.26 31.96
C ASP A 202 -17.83 -6.39 32.01
N VAL A 203 -17.20 -6.15 30.86
CA VAL A 203 -15.76 -6.23 30.71
C VAL A 203 -15.25 -4.98 30.01
N VAL A 204 -14.33 -4.27 30.64
CA VAL A 204 -13.78 -3.05 30.05
C VAL A 204 -12.29 -3.15 29.73
N PHE A 205 -11.96 -3.14 28.45
CA PHE A 205 -10.56 -3.20 28.00
C PHE A 205 -9.94 -1.81 27.83
N VAL A 206 -8.86 -1.54 28.56
CA VAL A 206 -8.05 -0.35 28.33
C VAL A 206 -6.62 -0.74 27.98
N SER A 207 -6.04 -0.09 26.97
CA SER A 207 -4.72 -0.50 26.48
C SER A 207 -3.59 0.17 27.23
N LYS A 208 -2.37 -0.30 27.00
CA LYS A 208 -1.19 0.31 27.58
C LYS A 208 -1.08 1.80 27.21
N ASP A 209 -1.31 2.12 25.95
CA ASP A 209 -1.16 3.51 25.51
C ASP A 209 -2.07 4.44 26.29
N VAL A 210 -3.35 4.09 26.35
CA VAL A 210 -4.31 4.89 27.10
C VAL A 210 -3.85 5.07 28.52
N ALA A 211 -3.50 3.96 29.15
CA ALA A 211 -3.14 3.97 30.55
C ALA A 211 -1.97 4.91 30.75
N LYS A 212 -0.95 4.73 29.92
CA LYS A 212 0.25 5.57 29.94
C LYS A 212 -0.10 7.03 29.65
N HIS A 213 -0.75 7.26 28.51
CA HIS A 213 -1.16 8.60 28.09
C HIS A 213 -2.09 9.27 29.09
N LEU A 214 -2.17 8.69 30.28
CA LEU A 214 -3.20 9.10 31.24
C LEU A 214 -2.67 9.13 32.66
N GLY A 215 -1.37 8.90 32.82
CA GLY A 215 -0.73 9.05 34.13
C GLY A 215 -0.27 7.79 34.84
N PHE A 216 -0.50 6.62 34.24
CA PHE A 216 -0.21 5.35 34.90
C PHE A 216 1.04 4.66 34.36
N GLN A 217 1.80 4.02 35.25
CA GLN A 217 3.12 3.48 34.93
C GLN A 217 3.11 1.96 34.73
N SER A 218 1.96 1.33 34.94
CA SER A 218 1.85 -0.12 34.88
C SER A 218 0.41 -0.53 34.94
N ALA A 219 0.15 -1.78 34.62
CA ALA A 219 -1.20 -2.32 34.61
C ALA A 219 -1.81 -2.25 36.00
N GLU A 220 -1.05 -2.66 37.00
CA GLU A 220 -1.51 -2.69 38.38
C GLU A 220 -1.98 -1.32 38.83
N GLU A 221 -1.24 -0.29 38.43
CA GLU A 221 -1.56 1.09 38.78
C GLU A 221 -2.82 1.52 38.04
N ALA A 222 -2.82 1.34 36.72
CA ALA A 222 -3.97 1.68 35.91
C ALA A 222 -5.27 1.06 36.41
N LEU A 223 -5.21 -0.21 36.82
CA LEU A 223 -6.39 -0.90 37.30
C LEU A 223 -6.91 -0.30 38.61
N ARG A 224 -5.99 0.05 39.50
CA ARG A 224 -6.36 0.76 40.73
C ARG A 224 -6.85 2.17 40.40
N GLY A 225 -6.06 2.90 39.62
CA GLY A 225 -6.46 4.22 39.17
C GLY A 225 -7.85 4.24 38.59
N LEU A 226 -8.15 3.27 37.72
CA LEU A 226 -9.34 3.36 36.90
C LEU A 226 -10.57 2.59 37.39
N TYR A 227 -10.42 1.69 38.35
CA TYR A 227 -11.57 0.82 38.68
C TYR A 227 -12.83 1.58 39.09
N GLY A 228 -12.65 2.70 39.78
CA GLY A 228 -13.76 3.50 40.26
C GLY A 228 -14.75 3.94 39.20
N ARG A 229 -14.37 3.80 37.94
CA ARG A 229 -15.19 4.27 36.83
C ARG A 229 -16.04 3.19 36.17
N VAL A 230 -15.92 1.95 36.61
CA VAL A 230 -16.69 0.89 35.97
C VAL A 230 -18.04 0.66 36.62
N ARG A 231 -18.93 0.02 35.86
CA ARG A 231 -20.25 -0.42 36.32
C ARG A 231 -20.09 -1.47 37.42
N LYS A 232 -20.93 -1.41 38.44
CA LYS A 232 -20.87 -2.40 39.52
C LYS A 232 -20.78 -3.83 38.98
N GLY A 233 -19.76 -4.57 39.44
CA GLY A 233 -19.59 -5.97 39.09
C GLY A 233 -18.88 -6.24 37.77
N ALA A 234 -18.17 -5.22 37.28
CA ALA A 234 -17.51 -5.29 35.99
C ALA A 234 -16.05 -5.59 36.19
N VAL A 235 -15.43 -6.23 35.20
CA VAL A 235 -14.01 -6.51 35.23
C VAL A 235 -13.28 -5.47 34.42
N LEU A 236 -12.27 -4.85 35.01
CA LEU A 236 -11.39 -3.97 34.28
C LEU A 236 -10.21 -4.79 33.80
N VAL A 237 -9.90 -4.73 32.51
CA VAL A 237 -8.77 -5.47 31.97
C VAL A 237 -7.73 -4.53 31.34
N CYS A 238 -6.45 -4.77 31.62
CA CYS A 238 -5.41 -3.96 31.01
C CYS A 238 -4.24 -4.81 30.54
N ALA A 239 -4.08 -4.91 29.23
CA ALA A 239 -2.94 -5.60 28.67
C ALA A 239 -1.75 -4.64 28.70
N TRP A 240 -0.56 -5.19 28.65
CA TRP A 240 0.62 -4.34 28.80
C TRP A 240 1.75 -4.94 27.99
N ALA A 241 1.46 -5.25 26.73
CA ALA A 241 2.41 -5.83 25.78
C ALA A 241 3.16 -7.02 26.34
N GLU A 242 4.48 -7.03 26.17
CA GLU A 242 5.31 -8.15 26.60
C GLU A 242 5.41 -8.32 28.11
N GLU A 243 4.70 -7.50 28.86
CA GLU A 243 4.71 -7.61 30.31
C GLU A 243 3.54 -8.51 30.71
N GLY A 244 2.74 -8.91 29.74
CA GLY A 244 1.55 -9.67 30.03
C GLY A 244 0.34 -8.78 30.20
N ALA A 245 -0.61 -9.24 31.02
CA ALA A 245 -1.85 -8.52 31.18
C ALA A 245 -2.34 -8.70 32.59
N ASP A 246 -3.17 -7.75 33.03
CA ASP A 246 -3.73 -7.75 34.37
C ASP A 246 -5.23 -7.51 34.33
N ALA A 247 -5.96 -7.97 35.34
CA ALA A 247 -7.40 -7.73 35.43
C ALA A 247 -7.81 -7.47 36.87
N LEU A 248 -8.94 -6.79 37.05
CA LEU A 248 -9.43 -6.45 38.39
C LEU A 248 -10.94 -6.56 38.46
N GLY A 249 -11.43 -7.39 39.37
CA GLY A 249 -12.85 -7.62 39.52
C GLY A 249 -13.50 -6.97 40.76
N PRO A 250 -14.82 -7.16 40.90
CA PRO A 250 -15.59 -6.53 41.98
C PRO A 250 -15.04 -6.93 43.34
N ASP A 251 -14.35 -8.06 43.39
CA ASP A 251 -13.85 -8.61 44.65
C ASP A 251 -12.49 -8.04 45.03
N GLY A 252 -12.00 -7.11 44.21
CA GLY A 252 -10.79 -6.37 44.56
C GLY A 252 -9.50 -7.17 44.54
N LYS A 253 -9.53 -8.40 44.04
CA LYS A 253 -8.29 -9.16 43.88
C LYS A 253 -7.68 -8.89 42.52
N LEU A 254 -6.42 -8.49 42.51
CA LEU A 254 -5.75 -8.20 41.25
C LEU A 254 -5.30 -9.49 40.55
N LEU A 255 -5.57 -9.59 39.26
CA LEU A 255 -5.17 -10.77 38.50
C LEU A 255 -4.09 -10.42 37.49
N HIS A 256 -3.04 -11.25 37.43
CA HIS A 256 -1.97 -11.09 36.45
C HIS A 256 -1.80 -12.34 35.56
N SER A 257 -1.39 -12.14 34.32
CA SER A 257 -0.89 -13.24 33.51
C SER A 257 0.42 -12.83 32.86
N ASP A 258 1.44 -13.66 32.99
CA ASP A 258 2.64 -13.45 32.23
C ASP A 258 2.31 -13.63 30.75
N ALA A 259 3.05 -12.90 29.93
CA ALA A 259 2.99 -12.99 28.48
C ALA A 259 3.45 -14.37 28.00
N PHE A 260 3.16 -14.69 26.74
CA PHE A 260 3.71 -15.89 26.08
C PHE A 260 4.47 -15.50 24.82
N PRO A 261 5.60 -14.78 24.97
CA PRO A 261 6.39 -14.35 23.81
C PRO A 261 6.88 -15.49 22.95
N PRO A 262 6.64 -15.42 21.65
CA PRO A 262 7.32 -16.36 20.77
C PRO A 262 8.84 -16.08 20.84
N PRO A 263 9.66 -17.10 20.61
CA PRO A 263 11.12 -17.01 20.56
C PRO A 263 11.56 -15.98 19.53
N ARG A 264 10.76 -15.84 18.47
CA ARG A 264 10.96 -14.83 17.45
C ARG A 264 9.69 -13.99 17.23
N VAL A 265 9.73 -12.72 17.61
CA VAL A 265 8.63 -11.80 17.28
C VAL A 265 8.79 -11.22 15.86
N VAL A 266 7.79 -11.46 15.00
CA VAL A 266 7.89 -11.09 13.58
C VAL A 266 6.79 -10.15 13.11
N ASP A 267 5.68 -10.07 13.84
CA ASP A 267 4.50 -9.30 13.41
C ASP A 267 3.47 -9.09 14.51
N THR A 268 3.49 -7.90 15.10
CA THR A 268 2.62 -7.58 16.22
C THR A 268 1.40 -6.80 15.77
N LEU A 269 1.20 -6.70 14.46
CA LEU A 269 0.03 -6.00 13.92
C LEU A 269 -1.24 -6.72 14.33
N GLY A 270 -2.06 -6.10 15.18
CA GLY A 270 -3.29 -6.70 15.63
C GLY A 270 -3.15 -7.59 16.85
N ALA A 271 -2.09 -7.38 17.64
CA ALA A 271 -1.88 -8.14 18.87
C ALA A 271 -2.95 -7.82 19.91
N GLY A 272 -3.16 -6.54 20.17
CA GLY A 272 -4.14 -6.09 21.13
C GLY A 272 -5.51 -6.68 20.83
N ASP A 273 -5.88 -6.65 19.56
CA ASP A 273 -7.21 -7.11 19.16
C ASP A 273 -7.32 -8.60 19.37
N THR A 274 -6.22 -9.33 19.10
CA THR A 274 -6.15 -10.75 19.35
C THR A 274 -6.27 -11.06 20.84
N PHE A 275 -5.72 -10.18 21.66
CA PHE A 275 -5.83 -10.38 23.10
C PHE A 275 -7.31 -10.20 23.47
N ASN A 276 -7.90 -9.08 23.09
CA ASN A 276 -9.30 -8.83 23.40
C ASN A 276 -10.23 -9.98 22.99
N ALA A 277 -10.09 -10.43 21.75
CA ALA A 277 -10.94 -11.47 21.20
C ALA A 277 -10.81 -12.75 22.00
N SER A 278 -9.59 -13.07 22.41
CA SER A 278 -9.37 -14.33 23.10
C SER A 278 -9.90 -14.28 24.53
N VAL A 279 -9.84 -13.11 25.14
CA VAL A 279 -10.40 -12.95 26.47
C VAL A 279 -11.92 -13.10 26.39
N ILE A 280 -12.53 -12.37 25.46
CA ILE A 280 -13.96 -12.46 25.19
C ILE A 280 -14.40 -13.90 24.87
N PHE A 281 -13.65 -14.58 24.03
CA PHE A 281 -13.99 -15.94 23.68
C PHE A 281 -13.97 -16.78 24.95
N SER A 282 -12.91 -16.63 25.73
CA SER A 282 -12.75 -17.45 26.88
C SER A 282 -13.90 -17.18 27.85
N LEU A 283 -14.14 -15.92 28.16
CA LEU A 283 -15.17 -15.53 29.10
C LEU A 283 -16.57 -16.02 28.68
N SER A 284 -16.81 -16.00 27.37
CA SER A 284 -18.10 -16.41 26.82
C SER A 284 -18.24 -17.93 26.83
N GLN A 285 -17.17 -18.62 27.22
CA GLN A 285 -17.23 -20.07 27.35
C GLN A 285 -17.27 -20.45 28.83
N GLY A 286 -17.54 -19.47 29.69
CA GLY A 286 -17.67 -19.69 31.11
C GLY A 286 -16.37 -19.86 31.89
N ARG A 287 -15.23 -19.55 31.28
CA ARG A 287 -13.96 -19.67 31.99
C ARG A 287 -13.84 -18.59 33.04
N SER A 288 -13.01 -18.83 34.05
CA SER A 288 -12.74 -17.79 35.04
C SER A 288 -11.95 -16.65 34.38
N VAL A 289 -12.02 -15.47 34.99
CA VAL A 289 -11.23 -14.33 34.55
C VAL A 289 -9.76 -14.69 34.54
N GLN A 290 -9.27 -15.36 35.57
CA GLN A 290 -7.88 -15.80 35.55
C GLN A 290 -7.55 -16.61 34.28
N GLU A 291 -8.39 -17.59 33.97
CA GLU A 291 -8.15 -18.44 32.81
C GLU A 291 -8.20 -17.63 31.52
N ALA A 292 -9.14 -16.70 31.44
CA ALA A 292 -9.29 -15.83 30.29
C ALA A 292 -8.10 -14.86 30.07
N LEU A 293 -7.56 -14.25 31.12
CA LEU A 293 -6.40 -13.38 30.98
C LEU A 293 -5.29 -14.16 30.31
N ARG A 294 -5.13 -15.37 30.80
CA ARG A 294 -4.04 -16.27 30.46
C ARG A 294 -4.18 -16.76 29.01
N PHE A 295 -5.42 -17.07 28.61
CA PHE A 295 -5.68 -17.53 27.27
C PHE A 295 -5.47 -16.39 26.29
N GLY A 296 -5.95 -15.22 26.68
CA GLY A 296 -5.65 -13.98 25.99
C GLY A 296 -4.17 -13.75 25.66
N CYS A 297 -3.30 -13.86 26.66
CA CYS A 297 -1.87 -13.66 26.39
C CYS A 297 -1.33 -14.81 25.55
N GLN A 298 -1.89 -16.01 25.72
CA GLN A 298 -1.39 -17.18 25.01
C GLN A 298 -1.53 -17.03 23.51
N VAL A 299 -2.69 -16.54 23.10
CA VAL A 299 -3.06 -16.43 21.68
C VAL A 299 -2.37 -15.22 21.04
N ALA A 300 -2.41 -14.08 21.72
CA ALA A 300 -1.72 -12.88 21.26
C ALA A 300 -0.23 -13.15 21.07
N GLY A 301 0.37 -13.84 22.03
CA GLY A 301 1.75 -14.26 21.93
C GLY A 301 1.98 -15.14 20.72
N LYS A 302 1.15 -16.16 20.57
CA LYS A 302 1.25 -17.08 19.46
C LYS A 302 1.14 -16.34 18.13
N LYS A 303 0.21 -15.39 18.05
CA LYS A 303 0.03 -14.61 16.84
C LYS A 303 1.27 -13.73 16.50
N CYS A 304 2.00 -13.27 17.51
CA CYS A 304 3.13 -12.37 17.24
C CYS A 304 4.29 -13.13 16.65
N GLY A 305 4.15 -14.45 16.59
CA GLY A 305 5.19 -15.29 16.02
C GLY A 305 4.90 -15.58 14.58
N LEU A 306 3.84 -14.97 14.04
CA LEU A 306 3.40 -15.32 12.69
C LEU A 306 3.00 -14.09 11.90
N GLN A 307 3.13 -14.15 10.57
CA GLN A 307 2.59 -13.11 9.72
C GLN A 307 1.11 -13.38 9.50
N GLY A 308 0.26 -12.45 9.90
CA GLY A 308 -1.18 -12.62 9.76
C GLY A 308 -1.83 -13.40 10.90
N PHE A 309 -2.92 -14.07 10.60
CA PHE A 309 -3.71 -14.72 11.66
C PHE A 309 -3.78 -16.23 11.51
N ASP A 310 -3.75 -16.73 10.28
CA ASP A 310 -3.77 -18.16 10.05
C ASP A 310 -2.65 -18.87 10.81
N GLY A 311 -3.02 -19.73 11.75
CA GLY A 311 -2.03 -20.49 12.46
C GLY A 311 -2.03 -20.28 13.97
N ILE A 312 -2.83 -19.33 14.45
CA ILE A 312 -2.91 -19.11 15.91
C ILE A 312 -3.52 -20.35 16.56
N VAL A 313 -4.51 -20.94 15.90
CA VAL A 313 -5.06 -22.21 16.35
C VAL A 313 -4.82 -23.21 15.24
N GLY B 13 -8.71 -6.62 -29.81
CA GLY B 13 -9.02 -5.88 -31.02
C GLY B 13 -7.88 -5.87 -32.04
N LEU B 14 -8.21 -5.44 -33.25
CA LEU B 14 -7.25 -5.41 -34.34
C LEU B 14 -6.31 -4.18 -34.27
N VAL B 15 -5.02 -4.44 -34.37
CA VAL B 15 -4.05 -3.36 -34.30
C VAL B 15 -3.34 -3.21 -35.64
N PRO B 16 -3.64 -2.11 -36.36
CA PRO B 16 -2.99 -1.99 -37.66
C PRO B 16 -1.48 -2.18 -37.58
N ARG B 17 -0.95 -2.86 -38.57
CA ARG B 17 0.49 -3.09 -38.70
C ARG B 17 1.30 -1.78 -38.56
N GLY B 18 2.37 -1.81 -37.77
CA GLY B 18 3.32 -0.71 -37.68
C GLY B 18 2.78 0.58 -37.11
N SER B 19 1.79 0.49 -36.22
CA SER B 19 1.08 1.67 -35.71
C SER B 19 1.36 2.00 -34.23
N GLN B 20 1.92 1.04 -33.50
CA GLN B 20 1.98 1.17 -32.05
C GLN B 20 3.39 1.38 -31.56
N ILE B 21 3.53 2.09 -30.46
CA ILE B 21 4.80 2.23 -29.76
C ILE B 21 4.76 1.37 -28.51
N LEU B 22 5.73 0.49 -28.36
CA LEU B 22 5.71 -0.43 -27.23
C LEU B 22 6.70 0.00 -26.15
N CYS B 23 6.31 -0.06 -24.89
CA CYS B 23 7.29 0.15 -23.84
C CYS B 23 7.35 -1.05 -22.94
N VAL B 24 8.57 -1.53 -22.73
CA VAL B 24 8.81 -2.69 -21.92
C VAL B 24 9.50 -2.28 -20.62
N GLY B 25 8.85 -2.55 -19.50
CA GLY B 25 9.42 -2.16 -18.23
C GLY B 25 8.56 -2.53 -17.05
N LEU B 26 8.65 -1.70 -16.04
CA LEU B 26 8.07 -1.95 -14.74
C LEU B 26 6.75 -1.23 -14.63
N VAL B 27 5.74 -1.94 -14.13
CA VAL B 27 4.59 -1.27 -13.58
C VAL B 27 4.55 -1.54 -12.09
N VAL B 28 4.15 -0.55 -11.31
CA VAL B 28 4.15 -0.68 -9.86
C VAL B 28 3.02 0.15 -9.33
N LEU B 29 2.48 -0.23 -8.19
CA LEU B 29 1.45 0.54 -7.54
C LEU B 29 2.12 1.33 -6.45
N ASP B 30 2.06 2.65 -6.54
CA ASP B 30 2.63 3.52 -5.52
C ASP B 30 1.53 4.00 -4.62
N VAL B 31 1.66 3.73 -3.34
CA VAL B 31 0.73 4.27 -2.36
C VAL B 31 1.45 5.46 -1.73
N ILE B 32 0.92 6.64 -1.95
CA ILE B 32 1.62 7.85 -1.61
C ILE B 32 0.88 8.62 -0.55
N SER B 33 1.50 8.74 0.62
CA SER B 33 0.86 9.37 1.76
C SER B 33 1.58 10.65 2.17
N LEU B 34 0.80 11.67 2.50
CA LEU B 34 1.33 12.96 2.88
C LEU B 34 1.27 13.10 4.39
N VAL B 35 2.43 13.19 5.04
CA VAL B 35 2.46 13.29 6.49
C VAL B 35 2.97 14.66 6.98
N ASP B 36 2.54 15.06 8.18
CA ASP B 36 3.07 16.25 8.81
C ASP B 36 4.53 16.05 9.16
N LYS B 37 4.76 15.01 9.96
CA LYS B 37 6.09 14.67 10.42
C LYS B 37 6.33 13.16 10.28
N TYR B 38 7.50 12.80 9.77
CA TYR B 38 7.90 11.41 9.63
C TYR B 38 7.47 10.60 10.85
N PRO B 39 6.98 9.38 10.62
CA PRO B 39 6.51 8.61 11.77
C PRO B 39 7.65 7.97 12.51
N LYS B 40 7.58 8.04 13.85
CA LYS B 40 8.48 7.29 14.68
C LYS B 40 8.16 5.82 14.49
N GLU B 41 9.18 5.01 14.25
CA GLU B 41 8.95 3.57 14.14
C GLU B 41 7.93 3.17 15.17
N ASP B 42 6.99 2.35 14.74
CA ASP B 42 6.07 1.68 15.65
C ASP B 42 4.90 2.53 16.13
N SER B 43 4.80 3.75 15.63
CA SER B 43 3.64 4.60 15.91
C SER B 43 2.42 4.27 15.05
N GLU B 44 1.37 5.04 15.25
CA GLU B 44 0.22 5.05 14.36
C GLU B 44 -0.12 6.51 14.11
N ILE B 45 -0.34 6.87 12.86
CA ILE B 45 -0.66 8.26 12.54
C ILE B 45 -1.74 8.37 11.46
N ARG B 46 -2.31 9.57 11.34
CA ARG B 46 -3.17 9.89 10.22
C ARG B 46 -2.35 10.70 9.24
N CYS B 47 -2.44 10.33 7.97
CA CYS B 47 -1.80 11.09 6.92
C CYS B 47 -2.72 12.27 6.70
N LEU B 48 -2.22 13.27 5.97
CA LEU B 48 -3.08 14.36 5.52
C LEU B 48 -3.90 13.86 4.34
N SER B 49 -3.22 13.16 3.43
CA SER B 49 -3.87 12.59 2.25
C SER B 49 -3.12 11.36 1.78
N GLN B 50 -3.79 10.52 0.99
CA GLN B 50 -3.16 9.30 0.50
C GLN B 50 -3.69 8.94 -0.88
N ARG B 51 -2.77 8.75 -1.82
CA ARG B 51 -3.12 8.49 -3.19
C ARG B 51 -2.58 7.14 -3.59
N TRP B 52 -3.37 6.37 -4.33
CA TRP B 52 -2.88 5.18 -5.03
C TRP B 52 -2.59 5.60 -6.44
N GLN B 53 -1.40 5.29 -6.94
CA GLN B 53 -0.99 5.80 -8.25
C GLN B 53 -0.21 4.76 -9.01
N ARG B 54 -0.59 4.50 -10.26
CA ARG B 54 0.23 3.65 -11.12
C ARG B 54 1.58 4.33 -11.34
N GLY B 55 2.65 3.58 -11.22
CA GLY B 55 3.99 4.11 -11.39
C GLY B 55 4.82 3.17 -12.24
N GLY B 56 6.13 3.42 -12.30
CA GLY B 56 7.08 2.69 -13.12
C GLY B 56 7.36 3.45 -14.41
N ASN B 57 8.63 3.48 -14.82
CA ASN B 57 9.08 4.23 -16.00
C ASN B 57 8.39 3.92 -17.30
N ALA B 58 8.43 2.64 -17.70
CA ALA B 58 7.78 2.25 -18.96
C ALA B 58 6.31 2.59 -18.86
N SER B 59 5.74 2.37 -17.68
CA SER B 59 4.33 2.57 -17.43
C SER B 59 3.94 4.06 -17.52
N ASN B 60 4.66 4.95 -16.82
CA ASN B 60 4.49 6.38 -17.01
C ASN B 60 4.63 6.80 -18.45
N SER B 61 5.65 6.32 -19.14
CA SER B 61 5.84 6.78 -20.54
C SER B 61 4.66 6.40 -21.42
N CYS B 62 4.05 5.22 -21.15
CA CYS B 62 2.85 4.79 -21.89
C CYS B 62 1.74 5.79 -21.73
N THR B 63 1.45 6.17 -20.49
CA THR B 63 0.47 7.22 -20.23
C THR B 63 0.73 8.48 -21.06
N VAL B 64 1.98 8.94 -21.07
CA VAL B 64 2.33 10.18 -21.79
C VAL B 64 2.12 10.01 -23.29
N LEU B 65 2.56 8.88 -23.85
CA LEU B 65 2.29 8.56 -25.27
C LEU B 65 0.82 8.60 -25.67
N SER B 66 -0.05 8.02 -24.85
CA SER B 66 -1.49 8.06 -25.11
C SER B 66 -2.05 9.47 -25.09
N LEU B 67 -1.68 10.23 -24.06
CA LEU B 67 -2.18 11.61 -23.96
C LEU B 67 -1.70 12.46 -25.12
N LEU B 68 -0.50 12.16 -25.60
CA LEU B 68 0.02 12.80 -26.80
C LEU B 68 -0.66 12.34 -28.07
N GLY B 69 -1.36 11.21 -28.04
CA GLY B 69 -2.08 10.78 -29.23
C GLY B 69 -1.40 9.66 -30.01
N ALA B 70 -0.40 9.02 -29.45
CA ALA B 70 0.15 7.79 -30.00
C ALA B 70 -0.67 6.55 -29.53
N PRO B 71 -0.89 5.56 -30.42
CA PRO B 71 -1.39 4.24 -29.95
C PRO B 71 -0.22 3.58 -29.25
N CYS B 72 -0.44 2.98 -28.09
CA CYS B 72 0.70 2.47 -27.36
C CYS B 72 0.36 1.35 -26.43
N ALA B 73 1.36 0.56 -26.10
CA ALA B 73 1.16 -0.68 -25.40
C ALA B 73 2.24 -0.83 -24.37
N PHE B 74 1.90 -1.48 -23.27
CA PHE B 74 2.85 -1.77 -22.24
C PHE B 74 3.15 -3.27 -22.22
N MET B 75 4.42 -3.61 -22.07
CA MET B 75 4.78 -4.97 -21.76
C MET B 75 5.64 -5.04 -20.50
N GLY B 76 5.05 -5.53 -19.42
CA GLY B 76 5.79 -5.91 -18.25
C GLY B 76 5.07 -7.03 -17.51
N SER B 77 5.62 -7.42 -16.37
CA SER B 77 5.10 -8.50 -15.53
C SER B 77 4.01 -8.06 -14.58
N MET B 78 3.01 -8.91 -14.40
CA MET B 78 2.01 -8.72 -13.36
C MET B 78 1.54 -10.11 -12.85
N ALA B 79 0.95 -10.13 -11.66
CA ALA B 79 0.35 -11.35 -11.11
C ALA B 79 -1.09 -11.04 -10.85
N PRO B 80 -1.97 -11.99 -11.18
CA PRO B 80 -3.40 -11.95 -10.90
C PRO B 80 -3.65 -11.51 -9.49
N GLY B 81 -4.61 -10.62 -9.29
CA GLY B 81 -4.85 -10.09 -7.97
C GLY B 81 -5.44 -8.70 -8.03
N HIS B 82 -5.71 -8.15 -6.86
CA HIS B 82 -6.36 -6.86 -6.76
C HIS B 82 -5.46 -5.67 -7.10
N VAL B 83 -4.15 -5.82 -6.91
CA VAL B 83 -3.17 -4.83 -7.36
C VAL B 83 -3.12 -4.74 -8.90
N ALA B 84 -2.86 -5.86 -9.57
CA ALA B 84 -2.91 -5.89 -11.03
C ALA B 84 -4.23 -5.29 -11.53
N ASP B 85 -5.33 -5.66 -10.90
CA ASP B 85 -6.64 -5.19 -11.35
C ASP B 85 -6.70 -3.66 -11.37
N PHE B 86 -6.26 -3.05 -10.28
CA PHE B 86 -6.23 -1.62 -10.16
C PHE B 86 -5.27 -1.03 -11.20
N LEU B 87 -4.11 -1.67 -11.36
CA LEU B 87 -3.14 -1.23 -12.38
C LEU B 87 -3.65 -1.34 -13.82
N VAL B 88 -4.31 -2.44 -14.15
CA VAL B 88 -4.87 -2.65 -15.50
C VAL B 88 -5.96 -1.62 -15.77
N ALA B 89 -6.82 -1.40 -14.79
CA ALA B 89 -7.86 -0.41 -14.91
C ALA B 89 -7.27 1.03 -15.03
N ASP B 90 -6.22 1.33 -14.27
CA ASP B 90 -5.55 2.61 -14.47
C ASP B 90 -4.88 2.76 -15.86
N PHE B 91 -4.18 1.72 -16.29
CA PHE B 91 -3.71 1.64 -17.69
C PHE B 91 -4.81 1.94 -18.71
N ARG B 92 -5.97 1.30 -18.55
CA ARG B 92 -7.03 1.44 -19.55
C ARG B 92 -7.68 2.81 -19.47
N ARG B 93 -7.74 3.35 -18.26
CA ARG B 93 -8.23 4.71 -18.05
C ARG B 93 -7.38 5.71 -18.86
N ARG B 94 -6.12 5.38 -19.08
CA ARG B 94 -5.21 6.20 -19.89
C ARG B 94 -5.06 5.70 -21.31
N GLY B 95 -5.95 4.80 -21.74
CA GLY B 95 -5.91 4.33 -23.11
C GLY B 95 -4.73 3.46 -23.51
N VAL B 96 -4.07 2.85 -22.53
CA VAL B 96 -2.92 1.99 -22.81
C VAL B 96 -3.36 0.54 -23.09
N ASP B 97 -2.89 -0.01 -24.21
CA ASP B 97 -3.14 -1.40 -24.58
C ASP B 97 -2.30 -2.30 -23.67
N VAL B 98 -2.96 -3.22 -22.96
CA VAL B 98 -2.27 -4.09 -22.01
C VAL B 98 -2.21 -5.59 -22.42
N SER B 99 -2.59 -5.88 -23.65
CA SER B 99 -2.61 -7.26 -24.14
C SER B 99 -1.26 -7.98 -24.14
N GLN B 100 -0.15 -7.25 -23.97
CA GLN B 100 1.18 -7.85 -23.96
C GLN B 100 1.70 -8.07 -22.56
N VAL B 101 0.89 -7.81 -21.55
CA VAL B 101 1.35 -8.10 -20.20
C VAL B 101 1.82 -9.55 -20.04
N ALA B 102 2.90 -9.73 -19.28
CA ALA B 102 3.44 -11.04 -18.95
C ALA B 102 2.91 -11.50 -17.60
N TRP B 103 1.74 -12.14 -17.62
CA TRP B 103 1.13 -12.66 -16.42
C TRP B 103 1.96 -13.81 -15.83
N GLN B 104 2.10 -13.79 -14.52
CA GLN B 104 3.03 -14.65 -13.80
C GLN B 104 2.23 -15.49 -12.81
N SER B 105 2.64 -16.76 -12.63
CA SER B 105 1.97 -17.63 -11.68
C SER B 105 2.60 -17.57 -10.28
N LYS B 106 3.81 -17.00 -10.20
CA LYS B 106 4.48 -16.81 -8.91
C LYS B 106 4.92 -15.36 -8.69
N GLY B 107 4.75 -14.85 -7.47
CA GLY B 107 5.23 -13.51 -7.12
C GLY B 107 4.16 -12.44 -6.88
N ASP B 108 4.52 -11.38 -6.18
CA ASP B 108 3.62 -10.25 -5.94
C ASP B 108 3.75 -9.18 -7.02
N THR B 109 2.62 -8.65 -7.48
CA THR B 109 2.65 -7.49 -8.35
C THR B 109 3.24 -6.33 -7.56
N PRO B 110 4.21 -5.63 -8.16
CA PRO B 110 5.02 -4.66 -7.40
C PRO B 110 4.16 -3.59 -6.76
N SER B 111 4.42 -3.31 -5.50
CA SER B 111 3.70 -2.28 -4.84
C SER B 111 4.68 -1.55 -3.93
N SER B 112 4.59 -0.22 -3.84
CA SER B 112 5.53 0.56 -3.02
C SER B 112 4.84 1.54 -2.12
N CYS B 113 5.42 1.76 -0.95
CA CYS B 113 4.87 2.73 0.00
C CYS B 113 5.79 3.94 0.05
N CYS B 114 5.24 5.10 -0.24
CA CYS B 114 6.02 6.30 -0.21
C CYS B 114 5.40 7.28 0.78
N ILE B 115 6.24 7.91 1.60
CA ILE B 115 5.77 8.80 2.63
C ILE B 115 6.38 10.18 2.43
N ILE B 116 5.54 11.15 2.10
CA ILE B 116 6.03 12.48 1.82
C ILE B 116 5.84 13.42 3.01
N ASN B 117 6.96 13.79 3.62
CA ASN B 117 6.97 14.69 4.77
C ASN B 117 6.55 16.08 4.34
N ASN B 118 5.41 16.53 4.85
CA ASN B 118 4.85 17.81 4.41
C ASN B 118 5.62 19.03 4.91
N SER B 119 6.31 18.89 6.03
CA SER B 119 7.12 19.98 6.58
C SER B 119 8.61 19.81 6.27
N ASN B 120 8.94 19.67 4.99
CA ASN B 120 10.34 19.57 4.52
C ASN B 120 10.48 18.89 3.16
N GLY B 121 9.38 18.36 2.64
CA GLY B 121 9.34 17.78 1.29
C GLY B 121 9.96 16.41 1.11
N ASN B 122 10.64 15.91 2.14
CA ASN B 122 11.37 14.64 2.05
C ASN B 122 10.50 13.40 1.81
N ARG B 123 10.94 12.55 0.89
CA ARG B 123 10.26 11.29 0.61
C ARG B 123 11.01 10.10 1.21
N THR B 124 10.30 9.32 2.01
CA THR B 124 10.81 8.05 2.52
C THR B 124 10.07 6.96 1.76
N ILE B 125 10.79 5.96 1.28
CA ILE B 125 10.20 5.00 0.35
C ILE B 125 10.48 3.55 0.67
N VAL B 126 9.42 2.79 0.92
CA VAL B 126 9.57 1.35 1.01
C VAL B 126 9.28 0.82 -0.37
N LEU B 127 10.32 0.28 -0.99
CA LEU B 127 10.27 -0.12 -2.38
C LEU B 127 9.74 -1.55 -2.51
N HIS B 128 9.15 -1.87 -3.66
CA HIS B 128 8.45 -3.15 -3.87
C HIS B 128 9.36 -4.35 -3.67
N ASP B 129 8.77 -5.52 -3.40
CA ASP B 129 9.61 -6.71 -3.24
C ASP B 129 10.14 -7.23 -4.57
N THR B 130 11.10 -8.13 -4.50
CA THR B 130 11.80 -8.65 -5.67
C THR B 130 11.20 -9.95 -6.20
N SER B 131 10.02 -10.32 -5.71
CA SER B 131 9.48 -11.67 -5.96
C SER B 131 9.07 -11.96 -7.40
N LEU B 132 8.62 -10.94 -8.13
CA LEU B 132 8.01 -11.12 -9.43
C LEU B 132 9.02 -11.22 -10.57
N PRO B 133 8.99 -12.33 -11.32
CA PRO B 133 9.92 -12.55 -12.44
C PRO B 133 9.85 -11.44 -13.48
N ASP B 134 11.01 -11.01 -14.00
CA ASP B 134 11.06 -10.00 -15.04
C ASP B 134 10.60 -10.59 -16.36
N VAL B 135 10.15 -9.74 -17.27
CA VAL B 135 9.80 -10.21 -18.59
C VAL B 135 11.05 -10.84 -19.17
N SER B 136 10.92 -12.07 -19.69
CA SER B 136 12.09 -12.78 -20.17
C SER B 136 12.22 -12.76 -21.69
N ALA B 137 13.38 -13.17 -22.17
CA ALA B 137 13.60 -13.27 -23.60
C ALA B 137 12.68 -14.31 -24.25
N THR B 138 12.43 -15.43 -23.58
CA THR B 138 11.48 -16.38 -24.19
C THR B 138 10.07 -15.78 -24.29
N ASP B 139 9.67 -14.99 -23.30
CA ASP B 139 8.36 -14.32 -23.38
C ASP B 139 8.32 -13.39 -24.57
N PHE B 140 9.40 -12.65 -24.80
CA PHE B 140 9.42 -11.67 -25.87
C PHE B 140 9.40 -12.35 -27.23
N GLU B 141 9.99 -13.55 -27.30
CA GLU B 141 9.98 -14.38 -28.50
C GLU B 141 8.57 -14.62 -29.04
N LYS B 142 7.59 -14.74 -28.13
CA LYS B 142 6.22 -15.07 -28.51
C LYS B 142 5.42 -13.87 -29.01
N VAL B 143 6.03 -12.69 -29.04
CA VAL B 143 5.29 -11.50 -29.41
C VAL B 143 5.40 -11.25 -30.91
N ASP B 144 4.29 -11.07 -31.59
CA ASP B 144 4.31 -10.66 -32.99
C ASP B 144 4.60 -9.16 -33.10
N LEU B 145 5.78 -8.82 -33.62
CA LEU B 145 6.31 -7.46 -33.71
C LEU B 145 5.64 -6.52 -34.72
N THR B 146 4.99 -7.08 -35.74
CA THR B 146 4.45 -6.29 -36.84
C THR B 146 3.54 -5.13 -36.39
N GLN B 147 2.93 -5.25 -35.23
CA GLN B 147 2.19 -4.15 -34.61
C GLN B 147 2.99 -2.84 -34.41
N PHE B 148 4.25 -2.99 -34.05
CA PHE B 148 5.01 -1.91 -33.46
C PHE B 148 5.85 -1.11 -34.46
N LYS B 149 5.75 0.23 -34.42
CA LYS B 149 6.66 1.09 -35.20
C LYS B 149 7.91 1.44 -34.42
N TRP B 150 7.82 1.37 -33.09
CA TRP B 150 8.90 1.80 -32.24
C TRP B 150 8.83 0.94 -31.02
N ILE B 151 9.95 0.43 -30.52
CA ILE B 151 9.91 -0.33 -29.29
C ILE B 151 10.92 0.24 -28.30
N HIS B 152 10.44 0.63 -27.12
CA HIS B 152 11.29 1.26 -26.15
C HIS B 152 11.48 0.39 -24.92
N ILE B 153 12.73 0.18 -24.52
CA ILE B 153 13.03 -0.74 -23.45
C ILE B 153 13.69 -0.12 -22.21
N GLU B 154 12.98 -0.11 -21.09
CA GLU B 154 13.55 0.29 -19.81
C GLU B 154 14.50 -0.77 -19.29
N GLY B 155 15.80 -0.49 -19.33
CA GLY B 155 16.80 -1.41 -18.82
C GLY B 155 16.59 -1.95 -17.41
N ARG B 156 16.40 -3.27 -17.30
CA ARG B 156 16.27 -3.91 -16.00
C ARG B 156 17.10 -5.18 -15.97
N ASN B 157 16.54 -6.27 -16.50
CA ASN B 157 17.27 -7.53 -16.60
C ASN B 157 18.05 -7.63 -17.91
N ALA B 158 19.27 -7.08 -17.92
CA ALA B 158 20.00 -6.79 -19.15
C ALA B 158 20.35 -7.99 -20.05
N SER B 159 20.89 -9.05 -19.46
CA SER B 159 21.27 -10.22 -20.24
C SER B 159 20.09 -10.78 -21.08
N GLU B 160 18.88 -10.76 -20.51
CA GLU B 160 17.69 -11.13 -21.27
C GLU B 160 17.29 -10.08 -22.29
N GLN B 161 17.34 -8.82 -21.87
CA GLN B 161 16.91 -7.70 -22.72
C GLN B 161 17.76 -7.59 -23.96
N VAL B 162 19.04 -7.93 -23.82
CA VAL B 162 19.93 -8.02 -24.98
C VAL B 162 19.40 -8.99 -26.04
N LYS B 163 18.83 -10.11 -25.59
CA LYS B 163 18.26 -11.07 -26.53
C LYS B 163 17.06 -10.48 -27.27
N MET B 164 16.21 -9.73 -26.55
CA MET B 164 15.09 -9.06 -27.19
C MET B 164 15.55 -8.07 -28.25
N LEU B 165 16.58 -7.29 -27.93
CA LEU B 165 17.12 -6.31 -28.90
C LEU B 165 17.69 -7.04 -30.14
N GLN B 166 18.49 -8.08 -29.87
CA GLN B 166 18.97 -8.95 -30.95
C GLN B 166 17.81 -9.51 -31.79
N ARG B 167 16.70 -9.86 -31.15
CA ARG B 167 15.55 -10.35 -31.93
C ARG B 167 14.91 -9.24 -32.79
N ILE B 168 14.76 -8.03 -32.24
CA ILE B 168 14.30 -6.89 -33.06
C ILE B 168 15.27 -6.59 -34.22
N ASP B 169 16.57 -6.65 -33.91
CA ASP B 169 17.59 -6.50 -34.95
C ASP B 169 17.40 -7.51 -36.08
N ALA B 170 17.09 -8.77 -35.71
CA ALA B 170 16.90 -9.82 -36.71
C ALA B 170 15.68 -9.51 -37.55
N HIS B 171 14.57 -9.19 -36.89
CA HIS B 171 13.38 -8.75 -37.60
C HIS B 171 13.69 -7.65 -38.60
N ASN B 172 14.45 -6.65 -38.17
CA ASN B 172 14.72 -5.46 -38.99
C ASN B 172 15.49 -5.76 -40.27
N THR B 173 16.49 -6.61 -40.14
CA THR B 173 17.28 -7.04 -41.30
C THR B 173 16.46 -7.39 -42.54
N ARG B 174 15.25 -7.91 -42.34
CA ARG B 174 14.41 -8.36 -43.44
C ARG B 174 13.42 -7.30 -43.90
N GLN B 175 13.33 -6.18 -43.19
CA GLN B 175 12.31 -5.20 -43.55
C GLN B 175 12.86 -4.09 -44.44
N PRO B 176 12.05 -3.68 -45.43
CA PRO B 176 12.32 -2.44 -46.17
C PRO B 176 12.50 -1.31 -45.15
N PRO B 177 13.31 -0.29 -45.47
CA PRO B 177 13.61 0.73 -44.46
C PRO B 177 12.34 1.35 -43.88
N GLU B 178 11.29 1.44 -44.71
CA GLU B 178 10.05 2.09 -44.32
C GLU B 178 9.17 1.18 -43.48
N GLN B 179 9.73 0.05 -43.04
CA GLN B 179 9.03 -0.86 -42.14
C GLN B 179 9.96 -1.39 -41.06
N LYS B 180 11.06 -0.68 -40.86
CA LYS B 180 11.96 -1.02 -39.77
C LYS B 180 11.41 -0.46 -38.46
N ILE B 181 11.60 -1.22 -37.39
CA ILE B 181 11.15 -0.85 -36.08
C ILE B 181 12.24 -0.06 -35.33
N ARG B 182 11.97 1.21 -35.00
CA ARG B 182 13.00 2.01 -34.32
C ARG B 182 13.09 1.46 -32.95
N VAL B 183 14.26 1.51 -32.35
CA VAL B 183 14.41 1.04 -30.98
C VAL B 183 15.05 2.11 -30.09
N SER B 184 14.56 2.21 -28.86
CA SER B 184 15.22 3.07 -27.89
C SER B 184 15.37 2.25 -26.62
N VAL B 185 16.30 2.69 -25.78
CA VAL B 185 16.66 2.00 -24.57
C VAL B 185 16.93 3.07 -23.50
N GLU B 186 16.58 2.79 -22.25
CA GLU B 186 16.94 3.70 -21.18
C GLU B 186 17.73 2.99 -20.10
N VAL B 187 18.89 3.55 -19.76
CA VAL B 187 19.70 3.10 -18.65
C VAL B 187 19.57 4.18 -17.58
N GLU B 188 18.80 3.90 -16.54
CA GLU B 188 18.47 4.89 -15.52
C GLU B 188 18.95 4.45 -14.15
N LYS B 189 19.57 3.28 -14.09
CA LYS B 189 20.06 2.78 -12.82
C LYS B 189 21.55 2.53 -12.88
N PRO B 190 22.28 3.02 -11.87
CA PRO B 190 23.74 2.90 -11.80
C PRO B 190 24.09 1.46 -11.52
N ARG B 191 23.91 0.58 -12.50
CA ARG B 191 24.15 -0.84 -12.32
C ARG B 191 24.99 -1.36 -13.46
N GLU B 192 26.19 -1.82 -13.15
CA GLU B 192 27.13 -2.28 -14.16
C GLU B 192 26.50 -3.13 -15.26
N GLU B 193 25.64 -4.06 -14.87
CA GLU B 193 25.05 -4.98 -15.83
C GLU B 193 24.29 -4.23 -16.93
N LEU B 194 23.63 -3.14 -16.57
CA LEU B 194 22.90 -2.31 -17.53
C LEU B 194 23.79 -1.68 -18.60
N PHE B 195 25.07 -1.46 -18.29
CA PHE B 195 25.90 -0.65 -19.18
C PHE B 195 26.05 -1.28 -20.56
N GLN B 196 25.82 -2.59 -20.65
CA GLN B 196 25.94 -3.25 -21.94
C GLN B 196 24.80 -2.85 -22.84
N LEU B 197 23.77 -2.25 -22.27
CA LEU B 197 22.61 -1.86 -23.07
C LEU B 197 22.88 -0.66 -23.98
N PHE B 198 23.93 0.11 -23.70
CA PHE B 198 24.31 1.22 -24.58
C PHE B 198 24.52 0.74 -26.01
N GLY B 199 25.05 -0.47 -26.16
CA GLY B 199 25.33 -1.01 -27.47
C GLY B 199 24.11 -1.25 -28.33
N TYR B 200 22.92 -1.05 -27.77
CA TYR B 200 21.69 -1.27 -28.54
C TYR B 200 20.78 -0.05 -28.64
N GLY B 201 19.96 -0.04 -29.69
CA GLY B 201 19.02 1.04 -29.88
C GLY B 201 19.50 2.09 -30.87
N ASP B 202 18.56 2.75 -31.52
CA ASP B 202 18.84 3.90 -32.35
C ASP B 202 18.89 5.13 -31.45
N VAL B 203 18.18 5.05 -30.33
CA VAL B 203 18.15 6.11 -29.35
C VAL B 203 18.40 5.51 -27.99
N VAL B 204 19.36 6.07 -27.27
CA VAL B 204 19.72 5.61 -25.95
C VAL B 204 19.60 6.79 -24.98
N PHE B 205 18.82 6.60 -23.93
CA PHE B 205 18.61 7.58 -22.89
C PHE B 205 19.47 7.20 -21.69
N VAL B 206 20.19 8.18 -21.14
CA VAL B 206 20.96 7.96 -19.92
C VAL B 206 20.51 9.01 -18.88
N SER B 207 20.32 8.57 -17.64
CA SER B 207 19.80 9.48 -16.63
C SER B 207 20.94 10.31 -16.02
N LYS B 208 20.59 11.47 -15.49
CA LYS B 208 21.53 12.26 -14.72
C LYS B 208 22.17 11.44 -13.61
N ASP B 209 21.38 10.64 -12.91
CA ASP B 209 21.91 9.81 -11.81
C ASP B 209 22.93 8.77 -12.23
N VAL B 210 22.84 8.30 -13.47
CA VAL B 210 23.82 7.34 -13.96
C VAL B 210 25.10 8.04 -14.37
N ALA B 211 24.94 9.10 -15.16
CA ALA B 211 26.06 9.97 -15.53
C ALA B 211 26.91 10.34 -14.33
N LYS B 212 26.29 10.89 -13.29
CA LYS B 212 27.04 11.28 -12.12
C LYS B 212 27.77 10.11 -11.47
N HIS B 213 27.08 8.99 -11.27
CA HIS B 213 27.73 7.85 -10.65
C HIS B 213 28.94 7.40 -11.45
N LEU B 214 28.92 7.65 -12.76
CA LEU B 214 30.08 7.34 -13.57
C LEU B 214 31.07 8.51 -13.54
N GLY B 215 30.81 9.48 -12.67
CA GLY B 215 31.69 10.62 -12.46
C GLY B 215 31.56 11.84 -13.37
N PHE B 216 30.48 11.92 -14.14
CA PHE B 216 30.29 13.03 -15.04
C PHE B 216 29.46 14.09 -14.36
N GLN B 217 29.84 15.35 -14.56
CA GLN B 217 29.23 16.43 -13.80
C GLN B 217 28.27 17.25 -14.63
N SER B 218 28.07 16.86 -15.88
CA SER B 218 27.12 17.56 -16.72
C SER B 218 26.71 16.71 -17.90
N ALA B 219 25.59 17.10 -18.51
CA ALA B 219 25.09 16.46 -19.69
C ALA B 219 26.19 16.29 -20.72
N GLU B 220 26.81 17.42 -21.09
CA GLU B 220 27.85 17.47 -22.12
C GLU B 220 28.99 16.50 -21.82
N GLU B 221 29.50 16.51 -20.60
CA GLU B 221 30.51 15.56 -20.21
C GLU B 221 30.01 14.09 -20.42
N ALA B 222 28.78 13.84 -19.97
CA ALA B 222 28.21 12.51 -20.05
C ALA B 222 28.17 12.04 -21.51
N LEU B 223 27.58 12.85 -22.37
CA LEU B 223 27.50 12.52 -23.78
C LEU B 223 28.86 12.27 -24.42
N ARG B 224 29.77 13.26 -24.34
CA ARG B 224 31.09 13.11 -24.94
C ARG B 224 31.80 11.90 -24.38
N GLY B 225 31.58 11.65 -23.09
CA GLY B 225 32.27 10.58 -22.41
C GLY B 225 31.68 9.18 -22.55
N LEU B 226 30.51 9.06 -23.17
CA LEU B 226 29.86 7.75 -23.30
C LEU B 226 29.48 7.42 -24.73
N TYR B 227 29.53 8.39 -25.64
CA TYR B 227 29.05 8.13 -27.00
C TYR B 227 29.76 6.92 -27.60
N GLY B 228 31.00 6.71 -27.16
CA GLY B 228 31.82 5.65 -27.66
C GLY B 228 31.23 4.27 -27.38
N ARG B 229 30.22 4.24 -26.51
CA ARG B 229 29.64 2.98 -26.05
C ARG B 229 28.42 2.53 -26.85
N VAL B 230 27.92 3.40 -27.71
CA VAL B 230 26.67 3.16 -28.40
C VAL B 230 26.95 2.68 -29.81
N ARG B 231 25.98 2.02 -30.42
CA ARG B 231 26.26 1.45 -31.73
C ARG B 231 26.31 2.53 -32.79
N LYS B 232 27.01 2.23 -33.88
CA LYS B 232 27.15 3.13 -35.01
C LYS B 232 25.81 3.75 -35.41
N GLY B 233 25.79 5.08 -35.51
CA GLY B 233 24.63 5.77 -36.04
C GLY B 233 23.58 6.13 -35.00
N ALA B 234 23.80 5.71 -33.75
CA ALA B 234 22.82 5.95 -32.69
C ALA B 234 22.90 7.36 -32.11
N VAL B 235 21.78 7.81 -31.57
CA VAL B 235 21.69 9.07 -30.86
C VAL B 235 21.67 8.80 -29.37
N LEU B 236 22.49 9.54 -28.63
CA LEU B 236 22.57 9.41 -27.18
C LEU B 236 22.01 10.68 -26.51
N VAL B 237 21.12 10.49 -25.53
CA VAL B 237 20.32 11.56 -24.96
C VAL B 237 20.47 11.61 -23.44
N CYS B 238 20.50 12.82 -22.88
CA CYS B 238 20.67 13.04 -21.44
C CYS B 238 19.99 14.34 -20.99
N ALA B 239 18.87 14.18 -20.28
CA ALA B 239 18.13 15.26 -19.65
C ALA B 239 18.78 15.55 -18.32
N TRP B 240 18.89 16.83 -17.96
CA TRP B 240 19.55 17.24 -16.73
C TRP B 240 18.66 18.22 -15.97
N ALA B 241 17.38 17.87 -15.92
CA ALA B 241 16.36 18.58 -15.15
C ALA B 241 16.30 20.05 -15.53
N GLU B 242 16.56 20.96 -14.57
CA GLU B 242 16.41 22.39 -14.85
C GLU B 242 17.46 22.96 -15.83
N GLU B 243 18.56 22.24 -16.00
CA GLU B 243 19.54 22.57 -17.03
C GLU B 243 19.16 22.08 -18.44
N GLY B 244 17.94 21.57 -18.61
CA GLY B 244 17.45 21.15 -19.91
C GLY B 244 18.03 19.83 -20.38
N ALA B 245 18.33 19.71 -21.67
CA ALA B 245 18.73 18.39 -22.16
C ALA B 245 19.65 18.45 -23.34
N ASP B 246 20.57 17.50 -23.43
CA ASP B 246 21.43 17.37 -24.61
C ASP B 246 21.20 16.05 -25.39
N ALA B 247 21.57 16.05 -26.66
CA ALA B 247 21.67 14.82 -27.42
C ALA B 247 22.88 14.88 -28.34
N LEU B 248 23.45 13.71 -28.62
CA LEU B 248 24.62 13.63 -29.46
C LEU B 248 24.48 12.48 -30.43
N GLY B 249 24.52 12.80 -31.72
CA GLY B 249 24.45 11.77 -32.73
C GLY B 249 25.76 11.49 -33.44
N PRO B 250 25.67 10.76 -34.57
CA PRO B 250 26.80 10.31 -35.38
C PRO B 250 27.62 11.47 -35.92
N ASP B 251 26.99 12.61 -36.14
CA ASP B 251 27.69 13.73 -36.75
C ASP B 251 28.53 14.49 -35.73
N GLY B 252 28.52 14.05 -34.48
CA GLY B 252 29.35 14.64 -33.46
C GLY B 252 28.91 16.01 -32.94
N LYS B 253 27.82 16.54 -33.49
CA LYS B 253 27.29 17.83 -33.08
C LYS B 253 26.48 17.76 -31.77
N LEU B 254 27.04 18.30 -30.69
CA LEU B 254 26.33 18.30 -29.42
C LEU B 254 25.11 19.19 -29.49
N LEU B 255 23.92 18.61 -29.35
CA LEU B 255 22.69 19.39 -29.42
C LEU B 255 22.17 19.70 -28.03
N HIS B 256 21.42 20.79 -27.90
CA HIS B 256 20.96 21.19 -26.58
C HIS B 256 19.64 21.90 -26.65
N SER B 257 18.84 21.75 -25.59
CA SER B 257 17.68 22.63 -25.39
C SER B 257 17.58 23.04 -23.95
N ASP B 258 17.25 24.31 -23.70
CA ASP B 258 17.04 24.74 -22.32
C ASP B 258 15.75 24.11 -21.78
N ALA B 259 15.63 24.09 -20.45
CA ALA B 259 14.39 23.75 -19.79
C ALA B 259 13.30 24.77 -20.08
N PHE B 260 12.07 24.37 -19.77
CA PHE B 260 10.89 25.21 -19.87
C PHE B 260 10.19 25.18 -18.53
N PRO B 261 10.73 25.91 -17.54
CA PRO B 261 10.19 25.82 -16.18
C PRO B 261 8.75 26.29 -16.18
N PRO B 262 7.92 25.67 -15.34
CA PRO B 262 6.52 26.07 -15.19
C PRO B 262 6.41 27.14 -14.09
N PRO B 263 5.37 27.99 -14.15
CA PRO B 263 5.10 29.07 -13.20
C PRO B 263 5.52 28.71 -11.77
N ARG B 264 5.09 27.55 -11.31
CA ARG B 264 5.64 26.98 -10.09
C ARG B 264 5.61 25.46 -10.11
N VAL B 265 6.67 24.85 -9.56
CA VAL B 265 6.84 23.40 -9.55
C VAL B 265 5.95 22.66 -8.56
N VAL B 266 4.92 22.00 -9.07
CA VAL B 266 3.96 21.24 -8.27
C VAL B 266 4.38 19.79 -8.01
N ASP B 267 4.66 19.05 -9.09
CA ASP B 267 4.88 17.61 -9.01
C ASP B 267 5.85 17.11 -10.08
N THR B 268 7.00 16.59 -9.66
CA THR B 268 8.02 16.15 -10.59
C THR B 268 8.09 14.62 -10.77
N LEU B 269 7.33 13.87 -9.99
CA LEU B 269 7.16 12.45 -10.21
C LEU B 269 6.87 12.16 -11.68
N GLY B 270 7.76 11.44 -12.35
CA GLY B 270 7.54 11.06 -13.72
C GLY B 270 7.89 12.08 -14.80
N ALA B 271 8.60 13.13 -14.40
CA ALA B 271 9.00 14.16 -15.36
C ALA B 271 10.02 13.56 -16.33
N GLY B 272 10.95 12.78 -15.81
CA GLY B 272 11.91 12.08 -16.65
C GLY B 272 11.25 11.12 -17.64
N ASP B 273 10.18 10.42 -17.22
CA ASP B 273 9.47 9.49 -18.10
C ASP B 273 8.69 10.27 -19.13
N THR B 274 8.14 11.40 -18.72
CA THR B 274 7.42 12.27 -19.63
C THR B 274 8.36 12.78 -20.75
N PHE B 275 9.59 13.15 -20.38
CA PHE B 275 10.57 13.60 -21.35
C PHE B 275 10.97 12.45 -22.32
N ASN B 276 11.28 11.28 -21.78
CA ASN B 276 11.56 10.14 -22.64
C ASN B 276 10.45 9.92 -23.68
N ALA B 277 9.20 9.93 -23.21
CA ALA B 277 8.04 9.59 -24.03
C ALA B 277 7.85 10.62 -25.11
N SER B 278 8.13 11.86 -24.73
CA SER B 278 7.93 12.98 -25.63
C SER B 278 9.01 12.98 -26.73
N VAL B 279 10.24 12.67 -26.38
CA VAL B 279 11.29 12.59 -27.39
C VAL B 279 10.93 11.47 -28.39
N ILE B 280 10.76 10.26 -27.87
CA ILE B 280 10.26 9.12 -28.65
C ILE B 280 9.11 9.53 -29.56
N PHE B 281 8.13 10.20 -28.98
CA PHE B 281 6.98 10.56 -29.77
C PHE B 281 7.37 11.45 -30.94
N SER B 282 8.09 12.52 -30.64
CA SER B 282 8.51 13.46 -31.68
C SER B 282 9.37 12.78 -32.77
N LEU B 283 10.37 12.04 -32.34
CA LEU B 283 11.16 11.28 -33.29
C LEU B 283 10.29 10.34 -34.15
N SER B 284 9.30 9.69 -33.52
CA SER B 284 8.50 8.69 -34.23
C SER B 284 7.61 9.39 -35.24
N GLN B 285 7.40 10.69 -35.04
CA GLN B 285 6.64 11.48 -36.00
C GLN B 285 7.56 12.00 -37.11
N GLY B 286 8.80 11.56 -37.14
CA GLY B 286 9.76 12.06 -38.11
C GLY B 286 10.30 13.48 -37.86
N ARG B 287 10.28 13.95 -36.62
CA ARG B 287 10.85 15.27 -36.33
C ARG B 287 12.35 15.06 -36.22
N SER B 288 13.10 16.15 -36.27
CA SER B 288 14.55 16.10 -36.11
C SER B 288 14.88 15.87 -34.65
N VAL B 289 16.05 15.32 -34.39
CA VAL B 289 16.55 15.23 -33.03
C VAL B 289 16.50 16.55 -32.25
N GLN B 290 16.77 17.68 -32.90
CA GLN B 290 16.82 18.94 -32.17
C GLN B 290 15.42 19.37 -31.83
N GLU B 291 14.49 19.16 -32.77
CA GLU B 291 13.06 19.45 -32.57
C GLU B 291 12.51 18.58 -31.41
N ALA B 292 12.95 17.33 -31.32
CA ALA B 292 12.50 16.40 -30.27
C ALA B 292 13.03 16.68 -28.87
N LEU B 293 14.29 17.12 -28.78
CA LEU B 293 14.84 17.58 -27.50
C LEU B 293 13.97 18.70 -26.96
N ARG B 294 13.65 19.65 -27.84
CA ARG B 294 12.87 20.81 -27.45
C ARG B 294 11.50 20.39 -26.93
N PHE B 295 10.76 19.66 -27.77
CA PHE B 295 9.45 19.15 -27.41
C PHE B 295 9.51 18.38 -26.08
N GLY B 296 10.53 17.56 -25.92
CA GLY B 296 10.67 16.80 -24.72
C GLY B 296 10.69 17.75 -23.55
N CYS B 297 11.57 18.74 -23.64
CA CYS B 297 11.72 19.76 -22.59
C CYS B 297 10.45 20.54 -22.36
N GLN B 298 9.76 20.91 -23.43
CA GLN B 298 8.48 21.60 -23.28
C GLN B 298 7.44 20.76 -22.52
N VAL B 299 7.27 19.49 -22.88
CA VAL B 299 6.22 18.68 -22.27
C VAL B 299 6.54 18.38 -20.82
N ALA B 300 7.76 17.92 -20.57
CA ALA B 300 8.18 17.56 -19.22
C ALA B 300 8.15 18.80 -18.31
N GLY B 301 8.53 19.95 -18.84
CA GLY B 301 8.43 21.19 -18.08
C GLY B 301 7.02 21.53 -17.70
N LYS B 302 6.12 21.44 -18.66
CA LYS B 302 4.72 21.69 -18.37
C LYS B 302 4.17 20.72 -17.32
N LYS B 303 4.56 19.45 -17.41
CA LYS B 303 4.02 18.46 -16.49
C LYS B 303 4.44 18.77 -15.05
N CYS B 304 5.67 19.23 -14.89
CA CYS B 304 6.19 19.52 -13.57
C CYS B 304 5.39 20.58 -12.80
N GLY B 305 4.61 21.38 -13.53
CA GLY B 305 3.72 22.32 -12.89
C GLY B 305 2.29 21.83 -12.71
N LEU B 306 2.05 20.54 -12.94
CA LEU B 306 0.72 19.94 -12.77
C LEU B 306 0.77 18.74 -11.84
N GLN B 307 -0.34 18.42 -11.19
CA GLN B 307 -0.42 17.20 -10.44
C GLN B 307 -0.73 16.06 -11.42
N GLY B 308 0.12 15.04 -11.43
CA GLY B 308 -0.03 13.93 -12.35
C GLY B 308 0.17 14.26 -13.81
N PHE B 309 -0.59 13.57 -14.66
CA PHE B 309 -0.38 13.70 -16.11
C PHE B 309 -1.53 14.38 -16.77
N ASP B 310 -2.53 14.74 -15.98
CA ASP B 310 -3.80 15.21 -16.49
C ASP B 310 -3.74 16.27 -17.59
N GLY B 311 -3.20 17.45 -17.29
CA GLY B 311 -3.29 18.54 -18.25
C GLY B 311 -2.11 18.78 -19.16
N ILE B 312 -1.25 17.78 -19.34
CA ILE B 312 -0.07 17.96 -20.18
C ILE B 312 -0.50 18.15 -21.62
N VAL B 313 -1.75 17.77 -21.89
CA VAL B 313 -2.33 17.74 -23.23
C VAL B 313 -1.29 17.63 -24.34
#